data_7R7O
#
_entry.id   7R7O
#
_cell.length_a   140.714
_cell.length_b   45.497
_cell.length_c   92.031
_cell.angle_alpha   90.000
_cell.angle_beta   123.422
_cell.angle_gamma   90.000
#
_symmetry.space_group_name_H-M   'C 1 2 1'
#
loop_
_entity.id
_entity.type
_entity.pdbx_description
1 polymer 'AdoMet-dependent rRNA methyltransferase SPB1'
2 non-polymer S-ADENOSYLMETHIONINE
3 water water
#
_entity_poly.entity_id   1
_entity_poly.type   'polypeptide(L)'
_entity_poly.pdbx_seq_one_letter_code
;MGKTQKKNSKGRLDRYYYLAKEKGYRARSSFKIIQINEKYGHFLEKSKVVIDLCAAPGSWCQVASKLCPVNSLIIGVDIV
PMKPMPNVITFQSDITTEDCRSKLRGYMKTWKADTVLHDGAPNVGLGWVQDAFTQSQLTLQALKLAVENLVVNGTFVTKI
FRSKDYNKLIWVFQQLFEKVEATKPPASRNVSAEIFVVCKGFKAPKRLDPRLLDPKEVFE
;
_entity_poly.pdbx_strand_id   A,B
#
# COMPACT_ATOMS: atom_id res chain seq x y z
N ARG A 12 2.78 -21.72 -23.59
CA ARG A 12 3.89 -22.68 -23.56
C ARG A 12 5.15 -21.98 -24.10
N LEU A 13 5.49 -22.20 -25.37
CA LEU A 13 6.38 -21.27 -26.07
C LEU A 13 5.51 -20.20 -26.73
N ASP A 14 4.93 -19.35 -25.88
CA ASP A 14 3.89 -18.41 -26.27
C ASP A 14 4.37 -16.96 -26.18
N ARG A 15 3.40 -16.05 -26.27
CA ARG A 15 3.70 -14.63 -26.24
C ARG A 15 4.51 -14.26 -25.00
N TYR A 16 4.13 -14.79 -23.85
CA TYR A 16 4.81 -14.42 -22.62
C TYR A 16 6.22 -14.98 -22.59
N TYR A 17 6.43 -16.17 -23.14
CA TYR A 17 7.78 -16.72 -23.21
C TYR A 17 8.71 -15.77 -23.95
N TYR A 18 8.28 -15.28 -25.13
CA TYR A 18 9.15 -14.47 -25.95
C TYR A 18 9.28 -13.03 -25.45
N LEU A 19 8.19 -12.43 -24.97
CA LEU A 19 8.32 -11.13 -24.31
C LEU A 19 9.34 -11.18 -23.17
N ALA A 20 9.33 -12.26 -22.38
CA ALA A 20 10.23 -12.33 -21.23
C ALA A 20 11.68 -12.41 -21.68
N LYS A 21 11.98 -13.30 -22.64
CA LYS A 21 13.27 -13.31 -23.33
C LYS A 21 13.71 -11.93 -23.77
N GLU A 22 12.85 -11.24 -24.53
CA GLU A 22 13.26 -9.96 -25.11
C GLU A 22 13.53 -8.91 -24.03
N LYS A 23 12.81 -8.98 -22.90
CA LYS A 23 13.04 -8.04 -21.82
C LYS A 23 14.20 -8.45 -20.91
N GLY A 24 14.77 -9.62 -21.10
CA GLY A 24 15.88 -10.07 -20.30
C GLY A 24 15.50 -10.84 -19.04
N TYR A 25 14.21 -11.10 -18.83
CA TYR A 25 13.80 -11.94 -17.70
C TYR A 25 14.24 -13.37 -17.91
N ARG A 26 14.66 -14.03 -16.82
CA ARG A 26 15.21 -15.37 -16.93
C ARG A 26 14.15 -16.45 -17.17
N ALA A 27 12.87 -16.14 -16.94
CA ALA A 27 11.83 -17.14 -17.13
C ALA A 27 10.51 -16.45 -17.46
N ARG A 28 9.71 -17.17 -18.26
CA ARG A 28 8.35 -16.72 -18.58
C ARG A 28 7.55 -16.40 -17.32
N SER A 29 7.82 -17.10 -16.22
CA SER A 29 7.02 -16.92 -15.01
C SER A 29 7.14 -15.52 -14.42
N SER A 30 8.15 -14.75 -14.83
CA SER A 30 8.20 -13.33 -14.47
C SER A 30 6.84 -12.65 -14.64
N PHE A 31 6.12 -12.95 -15.72
CA PHE A 31 4.87 -12.22 -15.95
C PHE A 31 3.81 -12.59 -14.92
N LYS A 32 3.88 -13.80 -14.36
CA LYS A 32 2.88 -14.18 -13.37
C LYS A 32 2.95 -13.26 -12.15
N ILE A 33 4.15 -13.03 -11.62
CA ILE A 33 4.21 -12.15 -10.45
C ILE A 33 4.00 -10.68 -10.85
N ILE A 34 4.47 -10.25 -12.01
CA ILE A 34 4.19 -8.88 -12.47
C ILE A 34 2.68 -8.63 -12.49
N GLN A 35 1.93 -9.59 -13.03
CA GLN A 35 0.49 -9.41 -13.18
C GLN A 35 -0.23 -9.51 -11.83
N ILE A 36 0.17 -10.46 -10.98
CA ILE A 36 -0.40 -10.51 -9.63
C ILE A 36 -0.10 -9.23 -8.87
N ASN A 37 1.13 -8.72 -8.98
CA ASN A 37 1.50 -7.51 -8.26
C ASN A 37 0.68 -6.32 -8.74
N GLU A 38 0.40 -6.26 -10.05
CA GLU A 38 -0.37 -5.15 -10.62
C GLU A 38 -1.81 -5.18 -10.17
N LYS A 39 -2.39 -6.36 -9.92
CA LYS A 39 -3.78 -6.47 -9.49
C LYS A 39 -3.96 -6.35 -7.99
N TYR A 40 -2.99 -6.78 -7.18
CA TYR A 40 -3.15 -6.82 -5.73
C TYR A 40 -2.35 -5.72 -5.03
N GLY A 41 -2.38 -4.52 -5.60
CA GLY A 41 -1.95 -3.34 -4.87
C GLY A 41 -0.48 -3.00 -4.90
N HIS A 42 0.26 -3.49 -5.89
CA HIS A 42 1.68 -3.18 -6.05
C HIS A 42 2.43 -3.33 -4.73
N PHE A 43 2.35 -4.53 -4.16
CA PHE A 43 3.03 -4.77 -2.89
C PHE A 43 4.55 -4.78 -3.06
N LEU A 44 5.06 -5.13 -4.24
CA LEU A 44 6.52 -5.15 -4.43
C LEU A 44 7.10 -3.76 -4.31
N GLU A 45 6.42 -2.75 -4.88
CA GLU A 45 6.90 -1.38 -4.80
C GLU A 45 6.95 -0.86 -3.38
N LYS A 46 6.23 -1.50 -2.47
CA LYS A 46 6.17 -1.12 -1.06
C LYS A 46 7.09 -1.96 -0.19
N SER A 47 7.85 -2.86 -0.77
CA SER A 47 8.57 -3.90 -0.03
C SER A 47 10.05 -3.58 -0.04
N LYS A 48 10.57 -3.19 1.12
CA LYS A 48 12.00 -2.95 1.26
C LYS A 48 12.78 -4.22 1.57
N VAL A 49 12.09 -5.29 1.99
CA VAL A 49 12.69 -6.61 2.19
C VAL A 49 11.78 -7.64 1.55
N VAL A 50 12.34 -8.47 0.66
CA VAL A 50 11.57 -9.52 -0.02
C VAL A 50 12.35 -10.83 0.07
N ILE A 51 11.65 -11.91 0.45
CA ILE A 51 12.21 -13.26 0.38
C ILE A 51 11.48 -13.99 -0.74
N ASP A 52 12.25 -14.55 -1.67
CA ASP A 52 11.72 -15.33 -2.80
C ASP A 52 12.12 -16.79 -2.59
N LEU A 53 11.13 -17.65 -2.31
CA LEU A 53 11.38 -19.06 -2.00
C LEU A 53 11.18 -19.92 -3.25
N CYS A 54 12.08 -20.87 -3.47
CA CYS A 54 12.09 -21.70 -4.68
C CYS A 54 12.20 -20.80 -5.91
N ALA A 55 13.34 -20.09 -5.98
CA ALA A 55 13.47 -18.90 -6.82
C ALA A 55 14.10 -19.16 -8.19
N ALA A 56 14.76 -20.31 -8.41
CA ALA A 56 15.54 -20.45 -9.64
C ALA A 56 14.64 -20.55 -10.87
N PRO A 57 15.11 -20.03 -12.04
CA PRO A 57 16.38 -19.37 -12.33
C PRO A 57 16.50 -17.95 -11.78
N GLY A 58 15.38 -17.37 -11.38
CA GLY A 58 15.44 -16.11 -10.66
C GLY A 58 14.61 -14.97 -11.23
N SER A 59 13.60 -15.25 -12.05
CA SER A 59 12.94 -14.13 -12.72
C SER A 59 12.08 -13.32 -11.75
N TRP A 60 11.56 -13.96 -10.69
CA TRP A 60 10.83 -13.19 -9.69
C TRP A 60 11.77 -12.30 -8.88
N CYS A 61 13.00 -12.76 -8.66
CA CYS A 61 14.00 -11.89 -8.06
C CYS A 61 14.29 -10.70 -8.97
N GLN A 62 14.33 -10.94 -10.29
CA GLN A 62 14.52 -9.83 -11.22
C GLN A 62 13.37 -8.85 -11.16
N VAL A 63 12.14 -9.35 -11.13
CA VAL A 63 10.98 -8.48 -10.98
C VAL A 63 11.11 -7.64 -9.72
N ALA A 64 11.41 -8.28 -8.58
CA ALA A 64 11.55 -7.55 -7.32
C ALA A 64 12.66 -6.53 -7.40
N SER A 65 13.81 -6.90 -7.97
CA SER A 65 14.89 -5.94 -8.15
C SER A 65 14.44 -4.73 -8.97
N LYS A 66 13.55 -4.93 -9.94
CA LYS A 66 13.11 -3.81 -10.78
C LYS A 66 12.11 -2.93 -10.06
N LEU A 67 11.20 -3.53 -9.29
CA LEU A 67 10.04 -2.82 -8.76
C LEU A 67 10.22 -2.33 -7.34
N CYS A 68 11.02 -3.03 -6.52
CA CYS A 68 11.19 -2.67 -5.13
C CYS A 68 11.93 -1.33 -5.04
N PRO A 69 11.75 -0.60 -3.94
CA PRO A 69 12.57 0.60 -3.71
C PRO A 69 14.07 0.30 -3.86
N VAL A 70 14.82 1.32 -4.26
CA VAL A 70 16.27 1.17 -4.28
C VAL A 70 16.78 0.84 -2.88
N ASN A 71 17.90 0.12 -2.83
CA ASN A 71 18.52 -0.35 -1.59
C ASN A 71 17.68 -1.38 -0.85
N SER A 72 16.78 -2.06 -1.54
CA SER A 72 15.98 -3.11 -0.92
C SER A 72 16.81 -4.37 -0.74
N LEU A 73 16.46 -5.14 0.28
CA LEU A 73 17.07 -6.44 0.56
C LEU A 73 16.21 -7.52 -0.08
N ILE A 74 16.75 -8.23 -1.07
CA ILE A 74 16.05 -9.26 -1.82
C ILE A 74 16.84 -10.55 -1.71
N ILE A 75 16.21 -11.60 -1.17
CA ILE A 75 16.88 -12.87 -0.90
C ILE A 75 16.14 -13.97 -1.64
N GLY A 76 16.86 -14.77 -2.41
CA GLY A 76 16.27 -15.88 -3.15
C GLY A 76 16.94 -17.18 -2.75
N VAL A 77 16.14 -18.24 -2.66
CA VAL A 77 16.69 -19.55 -2.32
C VAL A 77 16.11 -20.62 -3.22
N ASP A 78 16.96 -21.56 -3.61
CA ASP A 78 16.52 -22.71 -4.40
C ASP A 78 17.53 -23.84 -4.17
N ILE A 79 17.08 -25.07 -4.46
CA ILE A 79 18.00 -26.21 -4.44
C ILE A 79 19.05 -26.09 -5.52
N VAL A 80 18.66 -25.61 -6.70
CA VAL A 80 19.63 -25.54 -7.80
C VAL A 80 20.34 -24.20 -7.72
N PRO A 81 21.61 -24.13 -8.09
CA PRO A 81 22.32 -22.85 -8.00
C PRO A 81 21.75 -21.84 -8.97
N MET A 82 21.68 -20.60 -8.51
CA MET A 82 21.26 -19.50 -9.34
C MET A 82 22.43 -18.63 -9.70
N LYS A 83 22.41 -18.16 -10.94
CA LYS A 83 23.44 -17.25 -11.44
C LYS A 83 23.24 -15.93 -10.70
N PRO A 84 24.34 -15.21 -10.42
CA PRO A 84 24.22 -13.98 -9.63
C PRO A 84 23.38 -12.92 -10.35
N MET A 85 22.71 -12.11 -9.54
CA MET A 85 21.94 -10.94 -9.97
C MET A 85 22.40 -9.74 -9.15
N PRO A 86 22.60 -8.58 -9.78
CA PRO A 86 23.07 -7.41 -9.02
C PRO A 86 22.11 -7.03 -7.90
N ASN A 87 22.67 -6.83 -6.70
CA ASN A 87 21.92 -6.38 -5.53
C ASN A 87 20.82 -7.35 -5.13
N VAL A 88 21.02 -8.64 -5.40
CA VAL A 88 20.14 -9.70 -4.96
C VAL A 88 21.00 -10.77 -4.32
N ILE A 89 20.60 -11.25 -3.14
CA ILE A 89 21.27 -12.35 -2.47
C ILE A 89 20.57 -13.64 -2.87
N THR A 90 21.34 -14.62 -3.31
CA THR A 90 20.81 -15.95 -3.57
C THR A 90 21.66 -16.99 -2.88
N PHE A 91 21.03 -18.08 -2.45
CA PHE A 91 21.79 -19.19 -1.88
C PHE A 91 21.08 -20.51 -2.15
N GLN A 92 21.84 -21.60 -1.98
CA GLN A 92 21.37 -22.95 -2.26
C GLN A 92 20.93 -23.57 -0.94
N SER A 93 19.68 -24.02 -0.89
CA SER A 93 19.16 -24.80 0.24
C SER A 93 17.83 -25.42 -0.15
N ASP A 94 17.39 -26.37 0.67
CA ASP A 94 16.09 -27.00 0.56
C ASP A 94 15.19 -26.29 1.56
N ILE A 95 14.12 -25.63 1.08
CA ILE A 95 13.33 -24.82 1.99
C ILE A 95 12.63 -25.63 3.07
N THR A 96 12.63 -26.96 2.98
CA THR A 96 12.01 -27.77 4.01
C THR A 96 12.94 -28.05 5.19
N THR A 97 14.16 -27.52 5.19
CA THR A 97 15.20 -27.95 6.14
C THR A 97 15.51 -26.86 7.15
N GLU A 98 16.14 -27.29 8.25
CA GLU A 98 16.66 -26.31 9.21
C GLU A 98 17.82 -25.53 8.62
N ASP A 99 18.58 -26.15 7.70
CA ASP A 99 19.66 -25.45 7.00
C ASP A 99 19.17 -24.16 6.36
N CYS A 100 18.07 -24.24 5.61
CA CYS A 100 17.50 -23.04 5.00
C CYS A 100 17.02 -22.07 6.07
N ARG A 101 16.40 -22.60 7.11
CA ARG A 101 15.86 -21.78 8.19
C ARG A 101 16.99 -20.98 8.84
N SER A 102 18.18 -21.58 8.96
CA SER A 102 19.31 -20.95 9.63
C SER A 102 20.02 -19.96 8.71
N LYS A 103 20.15 -20.28 7.43
CA LYS A 103 20.82 -19.39 6.50
C LYS A 103 20.01 -18.12 6.29
N LEU A 104 18.70 -18.26 6.14
CA LEU A 104 17.84 -17.10 5.95
C LEU A 104 17.93 -16.19 7.17
N ARG A 105 18.03 -16.78 8.35
CA ARG A 105 18.05 -15.96 9.55
C ARG A 105 19.34 -15.15 9.63
N GLY A 106 20.45 -15.68 9.10
CA GLY A 106 21.68 -14.90 9.04
C GLY A 106 21.61 -13.72 8.10
N TYR A 107 20.98 -13.90 6.93
CA TYR A 107 20.81 -12.78 6.00
C TYR A 107 19.81 -11.75 6.52
N MET A 108 18.79 -12.19 7.27
CA MET A 108 17.73 -11.29 7.73
C MET A 108 18.13 -10.42 8.90
N LYS A 109 19.09 -10.87 9.73
CA LYS A 109 19.54 -10.05 10.86
C LYS A 109 18.35 -9.58 11.69
N THR A 110 18.20 -8.27 11.89
CA THR A 110 17.06 -7.74 12.64
C THR A 110 15.88 -7.39 11.75
N TRP A 111 16.00 -7.54 10.43
CA TRP A 111 14.94 -7.16 9.51
C TRP A 111 13.79 -8.17 9.55
N LYS A 112 12.59 -7.66 9.29
CA LYS A 112 11.43 -8.45 8.92
C LYS A 112 11.12 -8.21 7.45
N ALA A 113 10.54 -9.21 6.79
CA ALA A 113 10.21 -9.14 5.38
C ALA A 113 8.86 -8.47 5.14
N ASP A 114 8.80 -7.61 4.13
CA ASP A 114 7.52 -7.03 3.76
C ASP A 114 6.68 -8.01 2.96
N THR A 115 7.36 -8.86 2.15
CA THR A 115 6.68 -9.78 1.25
C THR A 115 7.50 -11.06 1.21
N VAL A 116 6.82 -12.21 1.24
CA VAL A 116 7.45 -13.50 0.97
C VAL A 116 6.74 -14.09 -0.23
N LEU A 117 7.52 -14.45 -1.25
CA LEU A 117 7.04 -15.09 -2.46
C LEU A 117 7.42 -16.57 -2.43
N HIS A 118 6.61 -17.39 -3.11
CA HIS A 118 6.92 -18.81 -3.23
C HIS A 118 6.39 -19.33 -4.55
N ASP A 119 7.28 -19.85 -5.39
CA ASP A 119 6.84 -20.38 -6.69
C ASP A 119 7.27 -21.85 -6.83
N GLY A 120 7.28 -22.59 -5.71
CA GLY A 120 7.88 -23.93 -5.72
C GLY A 120 7.04 -24.99 -6.40
N ALA A 121 7.74 -25.99 -6.95
CA ALA A 121 7.12 -27.12 -7.62
C ALA A 121 8.14 -28.24 -7.64
N PRO A 122 7.72 -29.50 -7.51
CA PRO A 122 8.70 -30.59 -7.46
C PRO A 122 9.49 -30.70 -8.76
N ASN A 123 10.76 -31.07 -8.61
CA ASN A 123 11.65 -31.35 -9.73
C ASN A 123 11.53 -32.79 -10.21
N VAL A 124 11.55 -33.74 -9.28
CA VAL A 124 11.50 -35.16 -9.61
C VAL A 124 10.03 -35.58 -9.72
N GLY A 125 9.64 -36.03 -10.91
CA GLY A 125 8.26 -36.46 -11.11
C GLY A 125 7.99 -37.79 -10.42
N LEU A 126 6.95 -37.83 -9.59
CA LEU A 126 6.58 -39.05 -8.89
C LEU A 126 5.13 -39.44 -9.18
N GLY A 127 4.57 -38.98 -10.27
CA GLY A 127 3.15 -39.16 -10.55
C GLY A 127 2.33 -38.00 -10.04
N TRP A 128 1.10 -37.91 -10.53
CA TRP A 128 0.32 -36.69 -10.29
C TRP A 128 -0.03 -36.52 -8.81
N VAL A 129 -0.51 -37.59 -8.18
CA VAL A 129 -0.97 -37.50 -6.78
C VAL A 129 0.19 -37.08 -5.88
N GLN A 130 1.34 -37.74 -6.03
CA GLN A 130 2.40 -37.41 -5.10
C GLN A 130 3.09 -36.09 -5.45
N ASP A 131 3.10 -35.68 -6.73
CA ASP A 131 3.63 -34.36 -7.06
C ASP A 131 2.78 -33.26 -6.44
N ALA A 132 1.46 -33.45 -6.42
CA ALA A 132 0.57 -32.47 -5.79
C ALA A 132 0.81 -32.41 -4.29
N PHE A 133 1.08 -33.57 -3.66
CA PHE A 133 1.36 -33.57 -2.23
C PHE A 133 2.71 -32.94 -1.92
N THR A 134 3.74 -33.27 -2.71
CA THR A 134 5.03 -32.59 -2.56
C THR A 134 4.87 -31.08 -2.66
N GLN A 135 4.10 -30.61 -3.65
CA GLN A 135 3.90 -29.17 -3.79
C GLN A 135 3.16 -28.60 -2.59
N SER A 136 2.16 -29.31 -2.07
CA SER A 136 1.45 -28.85 -0.89
C SER A 136 2.37 -28.80 0.32
N GLN A 137 3.27 -29.80 0.46
CA GLN A 137 4.26 -29.73 1.54
C GLN A 137 5.18 -28.54 1.38
N LEU A 138 5.61 -28.26 0.14
CA LEU A 138 6.44 -27.08 -0.12
C LEU A 138 5.73 -25.81 0.31
N THR A 139 4.45 -25.71 -0.02
CA THR A 139 3.65 -24.54 0.31
C THR A 139 3.53 -24.36 1.82
N LEU A 140 3.33 -25.45 2.55
CA LEU A 140 3.26 -25.32 4.01
C LEU A 140 4.60 -24.88 4.59
N GLN A 141 5.71 -25.45 4.10
CA GLN A 141 7.02 -25.01 4.54
C GLN A 141 7.28 -23.55 4.18
N ALA A 142 6.90 -23.13 2.98
CA ALA A 142 7.03 -21.72 2.60
C ALA A 142 6.20 -20.84 3.52
N LEU A 143 5.00 -21.31 3.88
CA LEU A 143 4.17 -20.54 4.80
C LEU A 143 4.84 -20.45 6.16
N LYS A 144 5.43 -21.55 6.63
CA LYS A 144 6.11 -21.53 7.93
C LYS A 144 7.25 -20.54 7.93
N LEU A 145 8.00 -20.46 6.82
CA LEU A 145 9.07 -19.48 6.72
C LEU A 145 8.51 -18.06 6.66
N ALA A 146 7.37 -17.87 6.01
CA ALA A 146 6.76 -16.54 5.95
C ALA A 146 6.27 -16.11 7.33
N VAL A 147 5.67 -17.04 8.09
CA VAL A 147 5.21 -16.73 9.44
C VAL A 147 6.37 -16.34 10.35
N GLU A 148 7.54 -16.92 10.14
CA GLU A 148 8.70 -16.57 10.96
C GLU A 148 9.35 -15.25 10.57
N ASN A 149 9.17 -14.80 9.32
CA ASN A 149 9.93 -13.65 8.82
C ASN A 149 9.08 -12.43 8.46
N LEU A 150 7.77 -12.57 8.28
CA LEU A 150 6.96 -11.46 7.82
C LEU A 150 6.76 -10.41 8.92
N VAL A 151 6.83 -9.14 8.51
CA VAL A 151 6.39 -8.04 9.37
C VAL A 151 4.87 -8.08 9.52
N VAL A 152 4.37 -7.51 10.61
CA VAL A 152 2.92 -7.39 10.78
C VAL A 152 2.34 -6.64 9.59
N ASN A 153 1.22 -7.16 9.07
CA ASN A 153 0.57 -6.69 7.85
C ASN A 153 1.36 -6.99 6.59
N GLY A 154 2.31 -7.94 6.65
CA GLY A 154 3.06 -8.35 5.48
C GLY A 154 2.26 -9.25 4.53
N THR A 155 2.86 -9.56 3.38
CA THR A 155 2.20 -10.22 2.27
C THR A 155 2.91 -11.53 1.94
N PHE A 156 2.13 -12.56 1.64
CA PHE A 156 2.62 -13.87 1.26
C PHE A 156 1.91 -14.29 -0.02
N VAL A 157 2.67 -14.56 -1.08
CA VAL A 157 2.12 -15.02 -2.36
C VAL A 157 2.71 -16.38 -2.66
N THR A 158 1.86 -17.37 -2.95
CA THR A 158 2.35 -18.70 -3.21
C THR A 158 1.61 -19.34 -4.38
N LYS A 159 2.37 -20.05 -5.21
CA LYS A 159 1.79 -21.04 -6.10
C LYS A 159 1.27 -22.23 -5.28
N ILE A 160 0.16 -22.80 -5.73
CA ILE A 160 -0.42 -23.98 -5.10
C ILE A 160 -1.02 -24.83 -6.22
N PHE A 161 -0.81 -26.14 -6.14
CA PHE A 161 -1.44 -27.04 -7.10
C PHE A 161 -2.87 -27.35 -6.68
N ARG A 162 -3.76 -27.43 -7.66
CA ARG A 162 -5.11 -27.93 -7.41
C ARG A 162 -5.02 -29.36 -6.90
N SER A 163 -5.50 -29.59 -5.68
CA SER A 163 -5.46 -30.95 -5.15
C SER A 163 -6.45 -31.04 -4.00
N LYS A 164 -6.53 -32.24 -3.44
CA LYS A 164 -7.32 -32.58 -2.27
C LYS A 164 -6.80 -31.98 -0.97
N ASP A 165 -5.68 -31.24 -1.00
CA ASP A 165 -5.21 -30.53 0.18
C ASP A 165 -5.29 -29.01 0.03
N TYR A 166 -5.77 -28.52 -1.12
CA TYR A 166 -5.86 -27.08 -1.34
C TYR A 166 -6.72 -26.41 -0.28
N ASN A 167 -7.89 -26.99 0.01
CA ASN A 167 -8.81 -26.37 0.96
C ASN A 167 -8.21 -26.26 2.36
N LYS A 168 -7.47 -27.29 2.78
CA LYS A 168 -6.85 -27.23 4.10
C LYS A 168 -5.81 -26.13 4.18
N LEU A 169 -5.01 -25.96 3.13
CA LEU A 169 -4.02 -24.89 3.14
C LEU A 169 -4.68 -23.53 3.17
N ILE A 170 -5.77 -23.34 2.42
CA ILE A 170 -6.48 -22.07 2.43
C ILE A 170 -6.95 -21.74 3.84
N TRP A 171 -7.52 -22.73 4.53
CA TRP A 171 -8.01 -22.52 5.89
C TRP A 171 -6.89 -22.08 6.82
N VAL A 172 -5.73 -22.75 6.76
CA VAL A 172 -4.59 -22.35 7.58
C VAL A 172 -4.19 -20.91 7.26
N PHE A 173 -4.13 -20.57 5.96
CA PHE A 173 -3.84 -19.19 5.55
C PHE A 173 -4.79 -18.20 6.20
N GLN A 174 -6.08 -18.55 6.22
CA GLN A 174 -7.10 -17.66 6.77
C GLN A 174 -6.92 -17.44 8.27
N GLN A 175 -6.24 -18.36 8.96
CA GLN A 175 -5.97 -18.13 10.38
C GLN A 175 -4.89 -17.08 10.58
N LEU A 176 -4.06 -16.83 9.58
CA LEU A 176 -2.87 -16.02 9.77
C LEU A 176 -2.84 -14.72 8.97
N PHE A 177 -3.83 -14.48 8.10
CA PHE A 177 -3.84 -13.31 7.23
C PHE A 177 -5.24 -12.71 7.22
N GLU A 178 -5.30 -11.38 7.13
CA GLU A 178 -6.60 -10.72 7.14
C GLU A 178 -7.39 -11.05 5.88
N LYS A 179 -6.70 -11.09 4.74
CA LYS A 179 -7.35 -11.37 3.45
C LYS A 179 -6.62 -12.46 2.68
N VAL A 180 -7.37 -13.44 2.17
CA VAL A 180 -6.78 -14.56 1.42
C VAL A 180 -7.59 -14.77 0.14
N GLU A 181 -6.95 -14.62 -1.02
CA GLU A 181 -7.63 -14.68 -2.30
C GLU A 181 -6.86 -15.49 -3.32
N ALA A 182 -7.56 -16.42 -3.98
CA ALA A 182 -7.00 -17.19 -5.08
C ALA A 182 -7.05 -16.37 -6.37
N THR A 183 -6.00 -16.51 -7.18
CA THR A 183 -5.94 -15.81 -8.44
C THR A 183 -5.19 -16.65 -9.46
N LYS A 184 -5.48 -16.39 -10.73
CA LYS A 184 -4.80 -17.09 -11.83
C LYS A 184 -4.56 -16.06 -12.92
N PRO A 185 -3.37 -15.45 -12.95
CA PRO A 185 -3.13 -14.34 -13.85
C PRO A 185 -3.02 -14.81 -15.30
N PRO A 186 -3.10 -13.88 -16.25
CA PRO A 186 -3.06 -14.28 -17.68
C PRO A 186 -1.90 -15.18 -18.05
N ALA A 187 -0.71 -14.95 -17.45
CA ALA A 187 0.43 -15.78 -17.79
C ALA A 187 0.33 -17.17 -17.22
N SER A 188 -0.73 -17.46 -16.45
CA SER A 188 -1.00 -18.78 -15.92
C SER A 188 -2.18 -19.46 -16.62
N ARG A 189 -2.88 -18.75 -17.49
CA ARG A 189 -4.11 -19.19 -18.18
C ARG A 189 -4.08 -20.65 -18.64
N ASN A 190 -2.98 -21.08 -19.25
CA ASN A 190 -2.88 -22.41 -19.83
C ASN A 190 -1.98 -23.35 -19.02
N VAL A 191 -1.81 -23.08 -17.72
CA VAL A 191 -1.06 -23.96 -16.82
C VAL A 191 -2.08 -24.60 -15.89
N SER A 192 -2.49 -25.83 -16.21
CA SER A 192 -3.68 -26.40 -15.56
C SER A 192 -3.45 -26.74 -14.10
N ALA A 193 -2.22 -27.01 -13.69
CA ALA A 193 -2.02 -27.52 -12.34
C ALA A 193 -2.17 -26.43 -11.28
N GLU A 194 -2.01 -25.16 -11.63
CA GLU A 194 -1.63 -24.17 -10.64
C GLU A 194 -2.68 -23.08 -10.44
N ILE A 195 -2.77 -22.66 -9.18
CA ILE A 195 -3.44 -21.44 -8.74
C ILE A 195 -2.41 -20.67 -7.93
N PHE A 196 -2.61 -19.37 -7.81
CA PHE A 196 -1.80 -18.56 -6.91
C PHE A 196 -2.69 -18.03 -5.81
N VAL A 197 -2.16 -17.95 -4.60
CA VAL A 197 -2.91 -17.43 -3.47
C VAL A 197 -2.17 -16.21 -2.95
N VAL A 198 -2.86 -15.07 -2.88
CA VAL A 198 -2.32 -13.83 -2.33
C VAL A 198 -2.85 -13.68 -0.92
N CYS A 199 -1.95 -13.66 0.05
CA CYS A 199 -2.30 -13.50 1.45
C CYS A 199 -1.83 -12.12 1.91
N LYS A 200 -2.76 -11.30 2.41
CA LYS A 200 -2.46 -9.92 2.80
C LYS A 200 -2.82 -9.72 4.26
N GLY A 201 -2.10 -8.82 4.92
CA GLY A 201 -2.37 -8.51 6.31
C GLY A 201 -1.98 -9.62 7.26
N PHE A 202 -0.71 -10.01 7.24
CA PHE A 202 -0.21 -10.96 8.23
C PHE A 202 -0.58 -10.53 9.64
N LYS A 203 -1.25 -11.43 10.35
CA LYS A 203 -1.74 -11.10 11.69
C LYS A 203 -0.62 -10.98 12.71
N ALA A 204 0.52 -11.62 12.45
CA ALA A 204 1.65 -11.63 13.37
C ALA A 204 1.23 -12.01 14.78
N PRO A 205 0.72 -13.22 14.98
CA PRO A 205 0.18 -13.59 16.29
C PRO A 205 1.26 -13.69 17.35
N LYS A 206 0.96 -13.22 18.57
CA LYS A 206 1.86 -13.45 19.68
C LYS A 206 1.89 -14.94 20.02
N ARG A 207 0.73 -15.58 19.95
CA ARG A 207 0.55 -16.99 20.26
C ARG A 207 0.40 -17.71 18.93
N LEU A 208 1.40 -18.49 18.54
CA LEU A 208 1.33 -19.25 17.31
C LEU A 208 1.20 -20.73 17.65
N ASP A 209 0.23 -21.39 17.03
CA ASP A 209 -0.02 -22.79 17.32
C ASP A 209 0.95 -23.66 16.53
N PRO A 210 1.67 -24.56 17.21
CA PRO A 210 2.54 -25.49 16.45
C PRO A 210 1.77 -26.29 15.42
N ARG A 211 0.53 -26.67 15.75
CA ARG A 211 -0.29 -27.45 14.84
C ARG A 211 -0.71 -26.67 13.60
N LEU A 212 -0.86 -25.36 13.72
CA LEU A 212 -1.22 -24.54 12.56
C LEU A 212 -0.23 -24.69 11.43
N LEU A 213 0.99 -25.16 11.71
CA LEU A 213 2.01 -25.35 10.70
C LEU A 213 2.60 -26.76 10.74
N ASP A 214 1.98 -27.67 11.48
CA ASP A 214 2.48 -29.04 11.60
C ASP A 214 1.96 -29.85 10.42
N PRO A 215 2.82 -30.42 9.57
CA PRO A 215 2.31 -31.18 8.42
C PRO A 215 1.44 -32.36 8.82
N LYS A 216 1.76 -33.02 9.93
CA LYS A 216 0.96 -34.16 10.36
C LYS A 216 -0.45 -33.75 10.75
N GLU A 217 -0.61 -32.52 11.24
CA GLU A 217 -1.94 -32.03 11.58
C GLU A 217 -2.64 -31.42 10.38
N VAL A 218 -1.90 -30.70 9.54
CA VAL A 218 -2.52 -30.04 8.39
C VAL A 218 -2.98 -31.07 7.37
N PHE A 219 -2.21 -32.13 7.17
CA PHE A 219 -2.49 -33.09 6.10
C PHE A 219 -3.13 -34.35 6.68
N GLU A 220 -4.28 -34.14 7.34
CA GLU A 220 -5.04 -35.15 8.11
C GLU A 220 -4.52 -35.24 9.54
N ARG B 12 10.49 25.37 -7.96
CA ARG B 12 9.60 26.20 -8.75
C ARG B 12 9.32 25.42 -10.04
N LEU B 13 9.98 25.82 -11.13
CA LEU B 13 10.08 24.97 -12.32
C LEU B 13 11.30 24.07 -12.16
N ASP B 14 11.16 23.07 -11.29
CA ASP B 14 12.25 22.18 -10.93
C ASP B 14 11.98 20.78 -11.44
N ARG B 15 12.77 19.82 -10.93
CA ARG B 15 12.64 18.43 -11.35
C ARG B 15 11.21 17.93 -11.17
N TYR B 16 10.60 18.23 -10.02
CA TYR B 16 9.25 17.72 -9.77
C TYR B 16 8.22 18.37 -10.69
N TYR B 17 8.38 19.65 -10.98
CA TYR B 17 7.48 20.29 -11.93
C TYR B 17 7.48 19.54 -13.26
N TYR B 18 8.66 19.23 -13.77
CA TYR B 18 8.74 18.63 -15.10
C TYR B 18 8.37 17.14 -15.09
N LEU B 19 8.83 16.38 -14.10
CA LEU B 19 8.37 14.99 -14.02
C LEU B 19 6.86 14.90 -13.94
N ALA B 20 6.22 15.78 -13.14
CA ALA B 20 4.77 15.68 -12.98
C ALA B 20 4.07 15.92 -14.31
N LYS B 21 4.54 16.90 -15.07
CA LYS B 21 3.95 17.18 -16.37
C LYS B 21 4.13 16.01 -17.34
N GLU B 22 5.30 15.36 -17.29
CA GLU B 22 5.55 14.26 -18.22
C GLU B 22 4.66 13.06 -17.91
N LYS B 23 4.32 12.84 -16.64
CA LYS B 23 3.42 11.75 -16.25
C LYS B 23 1.96 12.09 -16.45
N GLY B 24 1.64 13.33 -16.82
CA GLY B 24 0.27 13.74 -17.01
C GLY B 24 -0.43 14.22 -15.75
N TYR B 25 0.30 14.42 -14.66
CA TYR B 25 -0.31 15.04 -13.48
C TYR B 25 -0.57 16.52 -13.73
N ARG B 26 -1.63 17.03 -13.12
CA ARG B 26 -2.05 18.40 -13.37
C ARG B 26 -1.23 19.43 -12.58
N ALA B 27 -0.50 19.00 -11.55
CA ALA B 27 0.23 19.92 -10.70
C ALA B 27 1.44 19.22 -10.12
N ARG B 28 2.51 20.00 -9.96
CA ARG B 28 3.71 19.55 -9.27
C ARG B 28 3.38 18.98 -7.89
N SER B 29 2.33 19.48 -7.25
CA SER B 29 2.03 19.05 -5.90
C SER B 29 1.60 17.59 -5.82
N SER B 30 1.30 16.94 -6.95
CA SER B 30 1.11 15.49 -6.98
C SER B 30 2.21 14.78 -6.20
N PHE B 31 3.46 15.20 -6.37
CA PHE B 31 4.56 14.48 -5.73
C PHE B 31 4.50 14.61 -4.21
N LYS B 32 3.94 15.70 -3.68
CA LYS B 32 3.89 15.83 -2.22
C LYS B 32 3.06 14.70 -1.60
N ILE B 33 1.88 14.43 -2.15
CA ILE B 33 1.04 13.39 -1.54
C ILE B 33 1.57 12.01 -1.91
N ILE B 34 2.18 11.84 -3.09
CA ILE B 34 2.83 10.57 -3.42
C ILE B 34 3.87 10.23 -2.38
N GLN B 35 4.72 11.21 -2.05
CA GLN B 35 5.82 11.02 -1.12
C GLN B 35 5.32 10.84 0.32
N ILE B 36 4.31 11.63 0.72
CA ILE B 36 3.73 11.43 2.05
C ILE B 36 3.07 10.05 2.16
N ASN B 37 2.33 9.66 1.12
CA ASN B 37 1.68 8.35 1.14
C ASN B 37 2.72 7.23 1.23
N GLU B 38 3.84 7.37 0.52
CA GLU B 38 4.87 6.35 0.56
C GLU B 38 5.54 6.24 1.93
N LYS B 39 5.67 7.37 2.65
CA LYS B 39 6.33 7.33 3.95
C LYS B 39 5.40 6.91 5.08
N TYR B 40 4.10 7.19 4.98
CA TYR B 40 3.20 6.96 6.11
C TYR B 40 2.24 5.80 5.86
N GLY B 41 2.78 4.70 5.34
CA GLY B 41 2.07 3.45 5.36
C GLY B 41 1.15 3.18 4.19
N HIS B 42 1.31 3.90 3.07
CA HIS B 42 0.51 3.71 1.86
C HIS B 42 -0.98 3.64 2.17
N PHE B 43 -1.48 4.70 2.82
CA PHE B 43 -2.89 4.74 3.22
C PHE B 43 -3.82 4.87 2.02
N LEU B 44 -3.36 5.47 0.92
CA LEU B 44 -4.24 5.60 -0.25
C LEU B 44 -4.62 4.24 -0.80
N GLU B 45 -3.65 3.31 -0.85
CA GLU B 45 -3.92 1.97 -1.37
C GLU B 45 -4.89 1.19 -0.49
N LYS B 46 -5.11 1.65 0.73
CA LYS B 46 -6.02 1.05 1.67
C LYS B 46 -7.34 1.80 1.77
N SER B 47 -7.54 2.80 0.92
CA SER B 47 -8.64 3.74 1.08
C SER B 47 -9.69 3.49 0.00
N LYS B 48 -10.83 2.95 0.43
CA LYS B 48 -11.98 2.75 -0.46
C LYS B 48 -12.62 4.07 -0.87
N VAL B 49 -12.64 5.03 0.04
CA VAL B 49 -13.36 6.29 -0.10
C VAL B 49 -12.42 7.39 0.32
N VAL B 50 -12.22 8.38 -0.55
CA VAL B 50 -11.28 9.48 -0.31
C VAL B 50 -11.98 10.78 -0.62
N ILE B 51 -11.86 11.76 0.29
CA ILE B 51 -12.34 13.11 0.05
C ILE B 51 -11.10 13.99 -0.04
N ASP B 52 -10.99 14.76 -1.12
CA ASP B 52 -9.85 15.65 -1.33
C ASP B 52 -10.38 17.08 -1.28
N LEU B 53 -10.05 17.80 -0.21
CA LEU B 53 -10.56 19.15 0.02
C LEU B 53 -9.58 20.19 -0.51
N CYS B 54 -10.13 21.20 -1.19
CA CYS B 54 -9.33 22.25 -1.83
C CYS B 54 -8.43 21.62 -2.90
N ALA B 55 -9.08 21.01 -3.89
CA ALA B 55 -8.50 20.01 -4.77
C ALA B 55 -7.94 20.54 -6.09
N ALA B 56 -8.31 21.76 -6.52
CA ALA B 56 -7.97 22.16 -7.89
C ALA B 56 -6.47 22.39 -8.04
N PRO B 57 -5.89 22.07 -9.21
CA PRO B 57 -6.50 21.59 -10.45
C PRO B 57 -6.89 20.12 -10.43
N GLY B 58 -6.37 19.36 -9.47
CA GLY B 58 -6.80 17.98 -9.30
C GLY B 58 -5.73 16.91 -9.17
N SER B 59 -4.47 17.28 -8.91
CA SER B 59 -3.44 16.25 -9.03
C SER B 59 -3.50 15.27 -7.86
N TRP B 60 -4.00 15.69 -6.69
CA TRP B 60 -4.14 14.72 -5.61
C TRP B 60 -5.29 13.76 -5.90
N CYS B 61 -6.34 14.24 -6.56
CA CYS B 61 -7.39 13.33 -7.02
C CYS B 61 -6.83 12.34 -8.03
N GLN B 62 -5.94 12.78 -8.93
CA GLN B 62 -5.32 11.86 -9.88
C GLN B 62 -4.47 10.81 -9.16
N VAL B 63 -3.68 11.24 -8.17
CA VAL B 63 -2.91 10.29 -7.37
C VAL B 63 -3.84 9.26 -6.72
N ALA B 64 -4.93 9.72 -6.10
CA ALA B 64 -5.86 8.80 -5.46
C ALA B 64 -6.51 7.89 -6.48
N SER B 65 -6.88 8.42 -7.64
CA SER B 65 -7.41 7.56 -8.71
C SER B 65 -6.42 6.48 -9.13
N LYS B 66 -5.12 6.79 -9.11
CA LYS B 66 -4.12 5.81 -9.54
C LYS B 66 -3.83 4.77 -8.47
N LEU B 67 -3.75 5.18 -7.20
CA LEU B 67 -3.30 4.28 -6.14
C LEU B 67 -4.43 3.59 -5.39
N CYS B 68 -5.62 4.17 -5.35
CA CYS B 68 -6.70 3.61 -4.56
C CYS B 68 -7.19 2.33 -5.24
N PRO B 69 -7.80 1.41 -4.50
CA PRO B 69 -8.37 0.21 -5.16
C PRO B 69 -9.34 0.56 -6.28
N VAL B 70 -9.48 -0.34 -7.24
CA VAL B 70 -10.41 -0.11 -8.34
C VAL B 70 -11.81 0.11 -7.77
N ASN B 71 -12.57 0.99 -8.42
CA ASN B 71 -13.95 1.33 -8.06
C ASN B 71 -14.04 2.12 -6.77
N SER B 72 -12.96 2.75 -6.33
CA SER B 72 -13.01 3.60 -5.15
C SER B 72 -13.80 4.86 -5.43
N LEU B 73 -14.44 5.38 -4.37
CA LEU B 73 -15.16 6.64 -4.45
C LEU B 73 -14.22 7.77 -4.07
N ILE B 74 -13.95 8.67 -5.03
CA ILE B 74 -13.01 9.77 -4.84
C ILE B 74 -13.75 11.06 -5.13
N ILE B 75 -13.79 11.97 -4.16
CA ILE B 75 -14.57 13.20 -4.27
C ILE B 75 -13.63 14.37 -4.05
N GLY B 76 -13.61 15.32 -4.98
CA GLY B 76 -12.77 16.51 -4.85
C GLY B 76 -13.62 17.77 -4.87
N VAL B 77 -13.21 18.77 -4.09
CA VAL B 77 -13.98 20.01 -3.99
C VAL B 77 -13.04 21.21 -4.00
N ASP B 78 -13.44 22.26 -4.71
CA ASP B 78 -12.66 23.49 -4.75
C ASP B 78 -13.60 24.62 -5.16
N ILE B 79 -13.22 25.85 -4.81
CA ILE B 79 -13.95 27.02 -5.30
C ILE B 79 -13.78 27.15 -6.82
N VAL B 80 -12.61 26.79 -7.33
CA VAL B 80 -12.27 26.88 -8.76
C VAL B 80 -12.80 25.65 -9.48
N PRO B 81 -13.42 25.80 -10.65
CA PRO B 81 -13.88 24.61 -11.39
C PRO B 81 -12.70 23.72 -11.75
N MET B 82 -12.92 22.42 -11.70
CA MET B 82 -11.93 21.44 -12.11
C MET B 82 -12.38 20.71 -13.37
N LYS B 83 -11.43 20.51 -14.27
CA LYS B 83 -11.69 19.70 -15.45
C LYS B 83 -12.04 18.28 -15.02
N PRO B 84 -12.98 17.62 -15.69
CA PRO B 84 -13.39 16.27 -15.28
C PRO B 84 -12.24 15.27 -15.31
N MET B 85 -12.33 14.27 -14.45
CA MET B 85 -11.39 13.19 -14.32
C MET B 85 -12.17 11.89 -14.30
N PRO B 86 -11.75 10.87 -15.04
CA PRO B 86 -12.52 9.62 -15.06
C PRO B 86 -12.65 9.03 -13.66
N ASN B 87 -13.87 8.58 -13.33
CA ASN B 87 -14.17 7.91 -12.06
C ASN B 87 -13.78 8.75 -10.84
N VAL B 88 -13.79 10.07 -11.00
CA VAL B 88 -13.61 11.01 -9.90
C VAL B 88 -14.77 11.98 -9.94
N ILE B 89 -15.35 12.25 -8.78
CA ILE B 89 -16.41 13.24 -8.60
C ILE B 89 -15.76 14.54 -8.14
N THR B 90 -16.05 15.64 -8.82
CA THR B 90 -15.60 16.95 -8.39
C THR B 90 -16.79 17.90 -8.37
N PHE B 91 -16.72 18.89 -7.48
CA PHE B 91 -17.77 19.91 -7.45
C PHE B 91 -17.21 21.21 -6.92
N GLN B 92 -17.90 22.30 -7.25
CA GLN B 92 -17.51 23.64 -6.85
C GLN B 92 -18.22 24.00 -5.55
N SER B 93 -17.46 24.38 -4.54
CA SER B 93 -18.02 24.91 -3.31
C SER B 93 -16.89 25.51 -2.49
N ASP B 94 -17.27 26.26 -1.47
CA ASP B 94 -16.34 26.81 -0.49
C ASP B 94 -16.40 25.89 0.72
N ILE B 95 -15.27 25.27 1.09
CA ILE B 95 -15.33 24.24 2.13
C ILE B 95 -15.70 24.80 3.49
N THR B 96 -15.77 26.11 3.65
CA THR B 96 -16.17 26.69 4.92
C THR B 96 -17.69 26.87 5.02
N THR B 97 -18.46 26.39 4.04
CA THR B 97 -19.88 26.70 3.96
C THR B 97 -20.74 25.47 4.19
N GLU B 98 -21.97 25.74 4.59
CA GLU B 98 -22.96 24.68 4.70
C GLU B 98 -23.31 24.11 3.32
N ASP B 99 -23.14 24.90 2.26
CA ASP B 99 -23.31 24.41 0.90
C ASP B 99 -22.40 23.21 0.63
N CYS B 100 -21.15 23.31 1.07
CA CYS B 100 -20.20 22.23 0.83
C CYS B 100 -20.60 20.95 1.58
N ARG B 101 -21.00 21.07 2.85
CA ARG B 101 -21.49 19.91 3.60
C ARG B 101 -22.68 19.26 2.91
N SER B 102 -23.61 20.07 2.40
CA SER B 102 -24.80 19.50 1.79
C SER B 102 -24.45 18.72 0.53
N LYS B 103 -23.55 19.28 -0.30
CA LYS B 103 -23.15 18.57 -1.52
C LYS B 103 -22.38 17.31 -1.18
N LEU B 104 -21.49 17.39 -0.18
CA LEU B 104 -20.72 16.20 0.22
C LEU B 104 -21.65 15.10 0.71
N ARG B 105 -22.66 15.46 1.49
CA ARG B 105 -23.63 14.49 1.98
C ARG B 105 -24.35 13.79 0.82
N GLY B 106 -24.63 14.53 -0.26
CA GLY B 106 -25.28 13.92 -1.41
C GLY B 106 -24.49 12.77 -2.02
N TYR B 107 -23.16 12.92 -2.10
CA TYR B 107 -22.32 11.88 -2.68
C TYR B 107 -21.93 10.80 -1.68
N MET B 108 -21.70 11.19 -0.42
CA MET B 108 -21.28 10.24 0.61
C MET B 108 -22.43 9.34 1.04
N LYS B 109 -23.63 9.90 1.15
CA LYS B 109 -24.79 9.22 1.70
C LYS B 109 -24.44 8.62 3.06
N THR B 110 -24.59 7.30 3.21
CA THR B 110 -24.31 6.62 4.48
C THR B 110 -22.85 6.18 4.61
N TRP B 111 -22.02 6.39 3.59
CA TRP B 111 -20.64 5.92 3.65
C TRP B 111 -19.77 6.86 4.46
N LYS B 112 -18.71 6.30 5.05
CA LYS B 112 -17.64 7.04 5.69
C LYS B 112 -16.39 6.96 4.83
N ALA B 113 -15.54 7.97 4.98
CA ALA B 113 -14.30 8.06 4.22
C ALA B 113 -13.16 7.39 4.97
N ASP B 114 -12.28 6.76 4.22
CA ASP B 114 -11.09 6.18 4.83
C ASP B 114 -10.01 7.21 5.03
N THR B 115 -9.92 8.18 4.10
CA THR B 115 -8.91 9.22 4.12
C THR B 115 -9.54 10.53 3.66
N VAL B 116 -9.19 11.61 4.34
CA VAL B 116 -9.55 12.96 3.93
C VAL B 116 -8.24 13.73 3.76
N LEU B 117 -8.07 14.34 2.60
CA LEU B 117 -6.89 15.12 2.24
C LEU B 117 -7.29 16.58 2.17
N HIS B 118 -6.35 17.46 2.51
CA HIS B 118 -6.61 18.89 2.40
C HIS B 118 -5.32 19.59 2.00
N ASP B 119 -5.34 20.27 0.84
CA ASP B 119 -4.19 21.02 0.34
C ASP B 119 -4.52 22.49 0.20
N GLY B 120 -5.38 23.02 1.06
CA GLY B 120 -5.91 24.37 0.86
C GLY B 120 -4.89 25.46 1.17
N ALA B 121 -5.05 26.58 0.45
CA ALA B 121 -4.26 27.78 0.67
C ALA B 121 -5.04 28.95 0.10
N PRO B 122 -4.91 30.14 0.66
CA PRO B 122 -5.72 31.26 0.18
C PRO B 122 -5.36 31.61 -1.26
N ASN B 123 -6.37 32.05 -2.00
CA ASN B 123 -6.21 32.58 -3.35
C ASN B 123 -5.91 34.07 -3.34
N VAL B 124 -6.63 34.82 -2.51
CA VAL B 124 -6.53 36.28 -2.46
C VAL B 124 -5.47 36.65 -1.45
N GLY B 125 -4.37 37.25 -1.92
CA GLY B 125 -3.29 37.64 -1.02
C GLY B 125 -3.70 38.79 -0.11
N LEU B 126 -3.58 38.60 1.20
CA LEU B 126 -3.89 39.65 2.16
C LEU B 126 -2.70 39.98 3.06
N GLY B 127 -1.48 39.64 2.63
CA GLY B 127 -0.32 39.78 3.48
C GLY B 127 -0.01 38.50 4.23
N TRP B 128 1.22 38.43 4.75
CA TRP B 128 1.71 37.16 5.28
C TRP B 128 0.92 36.73 6.51
N VAL B 129 0.79 37.61 7.50
CA VAL B 129 0.11 37.22 8.74
C VAL B 129 -1.32 36.79 8.45
N GLN B 130 -2.01 37.56 7.62
CA GLN B 130 -3.41 37.26 7.42
C GLN B 130 -3.60 36.04 6.52
N ASP B 131 -2.69 35.81 5.56
CA ASP B 131 -2.74 34.60 4.75
C ASP B 131 -2.53 33.36 5.61
N ALA B 132 -1.63 33.44 6.58
CA ALA B 132 -1.40 32.31 7.48
C ALA B 132 -2.63 32.03 8.31
N PHE B 133 -3.34 33.08 8.73
CA PHE B 133 -4.56 32.87 9.51
C PHE B 133 -5.66 32.27 8.64
N THR B 134 -5.84 32.80 7.41
CA THR B 134 -6.81 32.21 6.49
C THR B 134 -6.52 30.73 6.28
N GLN B 135 -5.25 30.37 6.08
CA GLN B 135 -4.92 28.97 5.87
C GLN B 135 -5.22 28.15 7.13
N SER B 136 -4.94 28.71 8.31
CA SER B 136 -5.26 28.02 9.55
C SER B 136 -6.77 27.83 9.70
N GLN B 137 -7.56 28.85 9.35
CA GLN B 137 -9.01 28.71 9.39
C GLN B 137 -9.46 27.64 8.41
N LEU B 138 -8.83 27.58 7.25
CA LEU B 138 -9.21 26.61 6.24
C LEU B 138 -8.91 25.19 6.73
N THR B 139 -7.78 25.03 7.41
CA THR B 139 -7.40 23.74 8.00
C THR B 139 -8.39 23.31 9.07
N LEU B 140 -8.83 24.23 9.93
CA LEU B 140 -9.81 23.84 10.95
C LEU B 140 -11.13 23.42 10.32
N GLN B 141 -11.55 24.11 9.25
CA GLN B 141 -12.73 23.71 8.51
C GLN B 141 -12.55 22.34 7.85
N ALA B 142 -11.38 22.11 7.24
CA ALA B 142 -11.09 20.79 6.68
C ALA B 142 -11.14 19.72 7.76
N LEU B 143 -10.60 20.03 8.95
CA LEU B 143 -10.62 19.08 10.05
C LEU B 143 -12.05 18.77 10.46
N LYS B 144 -12.91 19.79 10.52
CA LYS B 144 -14.32 19.59 10.87
C LYS B 144 -15.01 18.68 9.87
N LEU B 145 -14.76 18.88 8.58
CA LEU B 145 -15.30 17.99 7.56
C LEU B 145 -14.72 16.58 7.71
N ALA B 146 -13.45 16.48 8.07
CA ALA B 146 -12.86 15.16 8.31
C ALA B 146 -13.52 14.46 9.49
N VAL B 147 -13.75 15.16 10.60
CA VAL B 147 -14.34 14.49 11.76
C VAL B 147 -15.78 14.06 11.46
N GLU B 148 -16.49 14.79 10.61
CA GLU B 148 -17.85 14.36 10.30
C GLU B 148 -17.93 13.22 9.31
N ASN B 149 -16.86 12.96 8.56
CA ASN B 149 -16.92 11.97 7.48
C ASN B 149 -16.00 10.78 7.65
N LEU B 150 -14.98 10.85 8.51
CA LEU B 150 -13.99 9.79 8.58
C LEU B 150 -14.54 8.56 9.31
N VAL B 151 -14.23 7.39 8.77
CA VAL B 151 -14.45 6.15 9.50
C VAL B 151 -13.50 6.10 10.71
N VAL B 152 -13.90 5.32 11.71
CA VAL B 152 -13.03 5.11 12.86
C VAL B 152 -11.69 4.57 12.39
N ASN B 153 -10.61 5.12 12.95
CA ASN B 153 -9.24 4.84 12.56
C ASN B 153 -8.91 5.31 11.14
N GLY B 154 -9.67 6.27 10.61
CA GLY B 154 -9.33 6.91 9.35
C GLY B 154 -8.14 7.86 9.45
N THR B 155 -7.75 8.39 8.29
CA THR B 155 -6.55 9.22 8.12
C THR B 155 -6.93 10.60 7.59
N PHE B 156 -6.29 11.63 8.13
CA PHE B 156 -6.48 13.01 7.71
C PHE B 156 -5.10 13.58 7.40
N VAL B 157 -4.90 14.11 6.21
CA VAL B 157 -3.62 14.72 5.80
C VAL B 157 -3.91 16.15 5.41
N THR B 158 -3.21 17.12 6.01
CA THR B 158 -3.50 18.51 5.70
C THR B 158 -2.20 19.28 5.51
N LYS B 159 -2.09 20.11 4.48
CA LYS B 159 -1.21 21.28 4.59
C LYS B 159 -1.55 22.21 5.74
N ILE B 160 -0.49 22.75 6.34
CA ILE B 160 -0.58 23.83 7.31
C ILE B 160 0.55 24.82 7.06
N PHE B 161 0.22 26.10 7.17
CA PHE B 161 1.25 27.13 7.15
C PHE B 161 1.91 27.26 8.51
N ARG B 162 3.22 27.44 8.51
CA ARG B 162 3.93 27.84 9.71
C ARG B 162 3.39 29.17 10.19
N SER B 163 2.88 29.21 11.41
CA SER B 163 2.30 30.44 11.93
C SER B 163 2.20 30.30 13.44
N LYS B 164 1.77 31.38 14.08
CA LYS B 164 1.62 31.36 15.53
C LYS B 164 0.45 30.49 16.00
N ASP B 165 -0.41 30.05 15.08
CA ASP B 165 -1.54 29.19 15.44
C ASP B 165 -1.29 27.71 15.16
N TYR B 166 -0.10 27.37 14.66
CA TYR B 166 0.20 25.97 14.32
C TYR B 166 0.05 25.06 15.53
N ASN B 167 0.59 25.46 16.68
CA ASN B 167 0.55 24.60 17.86
C ASN B 167 -0.89 24.36 18.32
N LYS B 168 -1.73 25.38 18.24
CA LYS B 168 -3.15 25.24 18.55
C LYS B 168 -3.80 24.14 17.71
N LEU B 169 -3.55 24.17 16.40
CA LEU B 169 -4.15 23.16 15.54
C LEU B 169 -3.64 21.78 15.88
N ILE B 170 -2.34 21.63 16.14
CA ILE B 170 -1.79 20.32 16.45
C ILE B 170 -2.44 19.76 17.71
N TRP B 171 -2.66 20.61 18.73
CA TRP B 171 -3.30 20.18 19.96
C TRP B 171 -4.69 19.62 19.68
N VAL B 172 -5.49 20.34 18.89
CA VAL B 172 -6.83 19.87 18.53
C VAL B 172 -6.74 18.53 17.81
N PHE B 173 -5.79 18.40 16.88
CA PHE B 173 -5.59 17.15 16.15
C PHE B 173 -5.35 15.99 17.11
N GLN B 174 -4.50 16.23 18.11
CA GLN B 174 -4.14 15.16 19.04
C GLN B 174 -5.32 14.73 19.88
N GLN B 175 -6.35 15.57 20.02
CA GLN B 175 -7.55 15.15 20.73
C GLN B 175 -8.36 14.15 19.93
N LEU B 176 -8.19 14.12 18.60
CA LEU B 176 -9.08 13.35 17.73
C LEU B 176 -8.41 12.21 17.00
N PHE B 177 -7.08 12.11 17.05
CA PHE B 177 -6.35 11.06 16.35
C PHE B 177 -5.30 10.45 17.25
N GLU B 178 -5.01 9.16 17.02
CA GLU B 178 -4.05 8.44 17.84
C GLU B 178 -2.61 8.89 17.55
N LYS B 179 -2.29 9.12 16.28
CA LYS B 179 -0.96 9.57 15.86
C LYS B 179 -1.10 10.84 15.06
N VAL B 180 -0.30 11.85 15.42
CA VAL B 180 -0.25 13.13 14.72
C VAL B 180 1.21 13.49 14.51
N GLU B 181 1.63 13.61 13.24
CA GLU B 181 3.03 13.83 12.93
C GLU B 181 3.17 14.86 11.82
N ALA B 182 4.09 15.80 12.02
CA ALA B 182 4.43 16.78 11.00
C ALA B 182 5.47 16.20 10.05
N THR B 183 5.34 16.56 8.77
CA THR B 183 6.25 16.04 7.76
C THR B 183 6.38 17.08 6.67
N LYS B 184 7.51 17.04 5.98
CA LYS B 184 7.79 17.95 4.87
C LYS B 184 8.50 17.13 3.80
N PRO B 185 7.77 16.60 2.83
CA PRO B 185 8.36 15.68 1.86
C PRO B 185 9.32 16.40 0.93
N PRO B 186 10.16 15.64 0.21
CA PRO B 186 11.12 16.28 -0.71
C PRO B 186 10.53 17.28 -1.66
N ALA B 187 9.33 17.03 -2.17
CA ALA B 187 8.71 17.99 -3.09
C ALA B 187 8.24 19.26 -2.38
N SER B 188 8.40 19.33 -1.07
CA SER B 188 8.07 20.51 -0.29
C SER B 188 9.31 21.25 0.21
N ARG B 189 10.51 20.67 0.04
CA ARG B 189 11.78 21.14 0.56
C ARG B 189 11.99 22.65 0.43
N ASN B 190 11.61 23.22 -0.71
CA ASN B 190 11.91 24.62 -0.99
C ASN B 190 10.67 25.52 -0.89
N VAL B 191 9.59 25.03 -0.30
CA VAL B 191 8.36 25.80 -0.12
C VAL B 191 8.32 26.26 1.34
N SER B 192 8.73 27.50 1.61
CA SER B 192 9.00 27.91 2.98
C SER B 192 7.74 28.00 3.85
N ALA B 193 6.58 28.22 3.24
CA ALA B 193 5.41 28.49 4.05
C ALA B 193 4.87 27.25 4.76
N GLU B 194 5.14 26.06 4.24
CA GLU B 194 4.24 24.95 4.48
C GLU B 194 4.88 23.76 5.18
N ILE B 195 4.04 23.08 5.95
CA ILE B 195 4.28 21.79 6.58
C ILE B 195 3.07 20.95 6.25
N PHE B 196 3.22 19.62 6.36
CA PHE B 196 2.07 18.74 6.23
C PHE B 196 1.94 17.95 7.52
N VAL B 197 0.70 17.70 7.93
CA VAL B 197 0.45 16.94 9.15
C VAL B 197 -0.35 15.71 8.76
N VAL B 198 0.18 14.54 9.09
CA VAL B 198 -0.48 13.26 8.85
C VAL B 198 -1.11 12.84 10.15
N CYS B 199 -2.42 12.71 10.15
CA CYS B 199 -3.17 12.32 11.35
C CYS B 199 -3.69 10.92 11.11
N LYS B 200 -3.35 9.98 11.99
CA LYS B 200 -3.71 8.57 11.83
C LYS B 200 -4.52 8.10 13.02
N GLY B 201 -5.41 7.13 12.78
CA GLY B 201 -6.25 6.59 13.84
C GLY B 201 -7.30 7.54 14.37
N PHE B 202 -8.20 8.02 13.50
CA PHE B 202 -9.32 8.83 13.96
C PHE B 202 -10.06 8.14 15.10
N LYS B 203 -10.21 8.86 16.22
CA LYS B 203 -10.81 8.25 17.41
C LYS B 203 -12.30 8.03 17.25
N ALA B 204 -12.96 8.85 16.43
CA ALA B 204 -14.40 8.79 16.22
C ALA B 204 -15.19 8.81 17.55
N PRO B 205 -15.07 9.90 18.31
CA PRO B 205 -15.74 9.92 19.63
C PRO B 205 -17.24 10.11 19.46
N LYS B 206 -18.00 9.44 20.34
CA LYS B 206 -19.45 9.63 20.32
C LYS B 206 -19.84 11.02 20.76
N ARG B 207 -19.16 11.57 21.78
CA ARG B 207 -19.45 12.90 22.29
C ARG B 207 -18.34 13.85 21.84
N LEU B 208 -18.46 14.31 20.59
CA LEU B 208 -17.57 15.34 20.08
C LEU B 208 -17.84 16.67 20.75
N ASP B 209 -16.76 17.36 21.08
CA ASP B 209 -16.88 18.70 21.63
C ASP B 209 -16.96 19.73 20.50
N PRO B 210 -17.99 20.59 20.49
CA PRO B 210 -18.14 21.53 19.37
C PRO B 210 -17.14 22.68 19.36
N ARG B 211 -16.51 22.99 20.50
CA ARG B 211 -15.54 24.07 20.56
C ARG B 211 -14.20 23.67 19.95
N LEU B 212 -13.86 22.37 19.97
CA LEU B 212 -12.65 21.89 19.30
C LEU B 212 -12.64 22.21 17.82
N LEU B 213 -13.81 22.32 17.20
CA LEU B 213 -13.91 22.74 15.82
C LEU B 213 -14.42 24.16 15.67
N ASP B 214 -14.60 24.87 16.79
CA ASP B 214 -15.06 26.25 16.77
C ASP B 214 -13.88 27.19 16.63
N PRO B 215 -13.81 28.02 15.60
CA PRO B 215 -12.68 28.94 15.45
C PRO B 215 -12.51 29.88 16.64
N LYS B 216 -13.59 30.18 17.35
CA LYS B 216 -13.49 31.12 18.48
C LYS B 216 -12.65 30.55 19.61
N GLU B 217 -12.82 29.25 19.92
CA GLU B 217 -11.92 28.59 20.87
C GLU B 217 -10.52 28.46 20.30
N VAL B 218 -10.42 27.76 19.16
CA VAL B 218 -9.13 27.30 18.69
C VAL B 218 -8.17 28.47 18.50
N PHE B 219 -8.69 29.60 18.02
CA PHE B 219 -7.87 30.73 17.63
C PHE B 219 -8.03 31.84 18.65
N GLU B 220 -6.89 32.41 19.08
CA GLU B 220 -6.80 33.37 20.19
C GLU B 220 -7.93 33.24 21.22
#